data_4RT7
#
_entry.id   4RT7
#
_cell.length_a   78.880
_cell.length_b   78.880
_cell.length_c   138.360
_cell.angle_alpha   90.00
_cell.angle_beta   90.00
_cell.angle_gamma   120.00
#
_symmetry.space_group_name_H-M   'P 32 2 1'
#
loop_
_entity.id
_entity.type
_entity.pdbx_description
1 polymer 'Receptor-type tyrosine-protein kinase FLT3'
2 non-polymer 1-(5-tert-butyl-1,2-oxazol-3-yl)-3-(4-{7-[2-(morpholin-4-yl)ethoxy]imidazo[2,1-b][1,3]benzothiazol-2-yl}phenyl)urea
3 water water
#
_entity_poly.entity_id   1
_entity_poly.type   'polypeptide(L)'
_entity_poly.pdbx_seq_one_letter_code
;MSYYHHHHHHSSGENLYFQGHKYKKQFRYESQLQMVQVTGSSDNEYFYVDFREYEYDLKWEFPRENLEFGKVLGSGAFGK
VMNATAYGISKTGVSIQVAVKMLKEKADSSEREALMSELKMMTQLGSHENIVNLLGACTLSGPIYLIFEYCCYGDLLNYL
RSKREKFHRTWTEIFKEHNFSFYPTFQSHPNSSMPGSREVQIHPDSDQISGLHGNSFHSEDEIEYENQKRLEEEEDLNVL
TFEDLLCFAYQVAKGMEFLEFKSCVHRDLAARNVLVTHGKVVKICDFGLARDIMSDSNYVVRGNARLPVKWMAPESLFEG
IYTIKSDVWSYGILLWEIFSLGVNPYPGIPVDANFYKLIQNGFKMDQPFYATEEIYIIMQSCWAFDSRKRPSFPNLTSFL
GCQLADAEEAMYQNV
;
_entity_poly.pdbx_strand_id   A
#
loop_
_chem_comp.id
_chem_comp.type
_chem_comp.name
_chem_comp.formula
P30 non-polymer 1-(5-tert-butyl-1,2-oxazol-3-yl)-3-(4-{7-[2-(morpholin-4-yl)ethoxy]imidazo[2,1-b][1,3]benzothiazol-2-yl}phenyl)urea 'C29 H32 N6 O4 S'
#
# COMPACT_ATOMS: atom_id res chain seq x y z
N TYR A 56 -13.90 9.45 18.88
CA TYR A 56 -13.19 8.22 19.21
C TYR A 56 -13.98 7.29 20.12
N ASP A 57 -14.46 6.19 19.54
CA ASP A 57 -15.16 5.15 20.29
C ASP A 57 -14.26 4.49 21.34
N LEU A 58 -14.86 4.07 22.45
CA LEU A 58 -14.12 3.52 23.58
C LEU A 58 -13.79 2.02 23.44
N LYS A 59 -14.50 1.34 22.54
CA LYS A 59 -14.33 -0.10 22.37
C LYS A 59 -12.94 -0.48 21.82
N TRP A 60 -12.27 0.52 21.23
CA TRP A 60 -10.94 0.32 20.69
C TRP A 60 -9.87 0.26 21.78
N GLU A 61 -10.12 0.92 22.90
CA GLU A 61 -9.10 1.08 23.93
C GLU A 61 -8.64 -0.27 24.46
N PHE A 62 -7.35 -0.56 24.31
CA PHE A 62 -6.78 -1.83 24.74
C PHE A 62 -5.75 -1.63 25.84
N PRO A 63 -5.77 -2.49 26.86
CA PRO A 63 -4.78 -2.45 27.95
C PRO A 63 -3.36 -2.63 27.42
N ARG A 64 -2.50 -1.63 27.60
CA ARG A 64 -1.15 -1.70 27.07
C ARG A 64 -0.30 -2.73 27.79
N GLU A 65 -0.75 -3.12 28.98
CA GLU A 65 -0.03 -4.12 29.78
C GLU A 65 -0.19 -5.50 29.14
N ASN A 66 -1.27 -5.68 28.39
CA ASN A 66 -1.53 -6.92 27.68
C ASN A 66 -0.69 -7.06 26.41
N LEU A 67 0.17 -6.07 26.17
CA LEU A 67 1.04 -6.10 25.00
C LEU A 67 2.43 -6.60 25.37
N GLU A 68 2.89 -7.62 24.65
CA GLU A 68 4.20 -8.23 24.88
C GLU A 68 5.06 -7.99 23.64
N PHE A 69 6.00 -7.06 23.73
CA PHE A 69 6.73 -6.59 22.55
C PHE A 69 7.86 -7.52 22.10
N GLY A 70 8.01 -7.65 20.78
CA GLY A 70 9.07 -8.43 20.20
C GLY A 70 10.01 -7.57 19.37
N LYS A 71 10.29 -8.02 18.15
CA LYS A 71 11.24 -7.33 17.27
C LYS A 71 10.63 -6.11 16.57
N VAL A 72 11.49 -5.30 15.96
CA VAL A 72 11.07 -4.14 15.17
C VAL A 72 10.83 -4.54 13.72
N LEU A 73 9.67 -4.18 13.19
CA LEU A 73 9.30 -4.58 11.83
C LEU A 73 9.62 -3.51 10.78
N GLY A 74 9.85 -2.28 11.24
CA GLY A 74 10.10 -1.16 10.35
C GLY A 74 10.35 0.11 11.15
N SER A 75 11.17 0.99 10.62
CA SER A 75 11.63 2.15 11.35
C SER A 75 11.78 3.34 10.40
N GLY A 76 11.71 4.54 10.95
CA GLY A 76 11.83 5.75 10.17
C GLY A 76 12.36 6.87 11.04
N ALA A 77 12.26 8.11 10.57
CA ALA A 77 12.75 9.22 11.37
C ALA A 77 11.71 9.66 12.40
N PHE A 78 10.44 9.33 12.12
CA PHE A 78 9.34 9.76 12.95
C PHE A 78 8.90 8.67 13.94
N GLY A 79 8.73 7.45 13.43
CA GLY A 79 8.21 6.36 14.24
C GLY A 79 8.63 4.97 13.80
N LYS A 80 7.92 3.96 14.32
CA LYS A 80 8.24 2.57 14.02
C LYS A 80 7.03 1.63 14.07
N VAL A 81 7.22 0.40 13.58
CA VAL A 81 6.24 -0.67 13.75
C VAL A 81 6.87 -1.89 14.44
N MET A 82 6.46 -2.15 15.67
CA MET A 82 6.92 -3.32 16.43
C MET A 82 6.01 -4.51 16.22
N ASN A 83 6.56 -5.70 16.36
CA ASN A 83 5.75 -6.90 16.48
C ASN A 83 5.41 -7.11 17.95
N ALA A 84 4.23 -7.66 18.23
CA ALA A 84 3.88 -7.91 19.62
C ALA A 84 2.87 -9.04 19.77
N THR A 85 2.74 -9.52 21.00
CA THR A 85 1.74 -10.51 21.36
C THR A 85 0.68 -9.83 22.23
N ALA A 86 -0.57 -9.89 21.80
CA ALA A 86 -1.66 -9.21 22.50
C ALA A 86 -2.65 -10.20 23.09
N TYR A 87 -2.82 -10.16 24.42
CA TYR A 87 -3.70 -11.11 25.10
C TYR A 87 -5.12 -10.58 25.29
N GLY A 88 -6.08 -11.20 24.60
CA GLY A 88 -7.49 -10.87 24.77
C GLY A 88 -8.04 -9.85 23.78
N ILE A 89 -7.48 -9.80 22.59
CA ILE A 89 -7.90 -8.83 21.59
C ILE A 89 -8.66 -9.54 20.45
N SER A 90 -8.57 -10.86 20.43
CA SER A 90 -9.23 -11.66 19.41
C SER A 90 -10.29 -12.59 20.01
N GLY A 93 -8.23 -16.76 19.51
CA GLY A 93 -7.46 -17.45 20.54
C GLY A 93 -7.25 -16.60 21.78
N VAL A 94 -6.37 -17.06 22.67
CA VAL A 94 -6.06 -16.33 23.89
C VAL A 94 -5.18 -15.11 23.57
N SER A 95 -4.25 -15.29 22.65
CA SER A 95 -3.37 -14.23 22.19
C SER A 95 -3.07 -14.34 20.70
N ILE A 96 -2.80 -13.20 20.06
CA ILE A 96 -2.39 -13.22 18.67
C ILE A 96 -1.14 -12.39 18.44
N GLN A 97 -0.50 -12.59 17.30
CA GLN A 97 0.55 -11.69 16.87
C GLN A 97 -0.10 -10.42 16.34
N VAL A 98 0.45 -9.26 16.71
CA VAL A 98 -0.04 -7.99 16.21
C VAL A 98 1.12 -7.13 15.73
N ALA A 99 0.80 -6.11 14.93
CA ALA A 99 1.78 -5.09 14.55
C ALA A 99 1.38 -3.76 15.18
N VAL A 100 2.33 -3.09 15.83
CA VAL A 100 2.03 -1.90 16.61
C VAL A 100 2.73 -0.66 16.07
N LYS A 101 1.95 0.35 15.71
CA LYS A 101 2.52 1.62 15.28
C LYS A 101 2.65 2.59 16.45
N MET A 102 3.79 3.29 16.49
CA MET A 102 4.10 4.20 17.58
C MET A 102 5.12 5.23 17.11
N LEU A 103 5.34 6.28 17.89
CA LEU A 103 6.28 7.33 17.51
C LEU A 103 7.58 7.16 18.27
N LYS A 104 8.55 8.07 18.04
CA LYS A 104 9.84 7.99 18.70
C LYS A 104 10.08 9.19 19.62
N ASP A 108 7.68 14.29 18.58
CA ASP A 108 7.43 15.69 18.26
C ASP A 108 5.94 15.98 17.90
N SER A 109 5.24 16.69 18.79
CA SER A 109 3.78 16.89 18.68
C SER A 109 3.16 17.14 17.28
N SER A 110 3.93 17.69 16.34
CA SER A 110 3.50 17.83 14.94
C SER A 110 3.28 16.45 14.27
N GLU A 111 3.61 15.39 14.99
CA GLU A 111 3.45 14.04 14.48
C GLU A 111 2.72 13.18 15.49
N ARG A 112 2.51 13.73 16.68
CA ARG A 112 1.70 13.07 17.68
C ARG A 112 0.24 13.13 17.23
N GLU A 113 -0.05 14.09 16.36
CA GLU A 113 -1.38 14.25 15.80
C GLU A 113 -1.55 13.45 14.54
N ALA A 114 -0.54 13.49 13.68
CA ALA A 114 -0.57 12.76 12.41
C ALA A 114 -0.83 11.28 12.65
N LEU A 115 -0.46 10.81 13.83
CA LEU A 115 -0.74 9.46 14.27
C LEU A 115 -2.17 9.38 14.79
N MET A 116 -2.55 10.37 15.57
CA MET A 116 -3.90 10.43 16.14
C MET A 116 -4.93 10.61 15.05
N SER A 117 -4.51 11.27 13.97
CA SER A 117 -5.39 11.52 12.82
C SER A 117 -5.51 10.25 12.01
N GLU A 118 -4.48 9.41 12.11
CA GLU A 118 -4.50 8.10 11.48
C GLU A 118 -5.36 7.17 12.32
N LEU A 119 -5.36 7.39 13.63
CA LEU A 119 -6.16 6.60 14.54
C LEU A 119 -7.65 6.72 14.28
N LYS A 120 -8.12 7.95 14.15
CA LYS A 120 -9.55 8.18 13.97
C LYS A 120 -9.94 7.85 12.55
N MET A 121 -8.97 7.89 11.65
CA MET A 121 -9.21 7.57 10.26
C MET A 121 -9.38 6.06 10.06
N MET A 122 -8.66 5.27 10.84
CA MET A 122 -8.73 3.82 10.72
C MET A 122 -9.95 3.22 11.40
N THR A 123 -10.53 3.96 12.34
CA THR A 123 -11.71 3.50 13.06
C THR A 123 -12.99 3.82 12.30
N GLN A 124 -13.00 4.97 11.64
CA GLN A 124 -14.14 5.36 10.80
C GLN A 124 -14.23 4.48 9.56
N LEU A 125 -13.07 4.00 9.12
CA LEU A 125 -12.96 3.25 7.87
C LEU A 125 -13.77 1.97 7.83
N GLY A 126 -13.69 1.19 8.90
CA GLY A 126 -14.28 -0.15 8.91
C GLY A 126 -13.32 -1.15 8.29
N SER A 127 -13.53 -2.43 8.58
CA SER A 127 -12.59 -3.44 8.11
C SER A 127 -12.91 -3.93 6.69
N HIS A 128 -11.85 -4.36 6.00
CA HIS A 128 -11.98 -5.09 4.74
C HIS A 128 -10.92 -6.16 4.78
N GLU A 129 -11.10 -7.21 3.99
CA GLU A 129 -10.16 -8.33 4.01
C GLU A 129 -8.81 -7.96 3.40
N ASN A 130 -8.83 -7.09 2.41
CA ASN A 130 -7.60 -6.69 1.75
C ASN A 130 -7.07 -5.34 2.25
N ILE A 131 -7.30 -5.09 3.55
CA ILE A 131 -6.78 -3.92 4.23
C ILE A 131 -6.20 -4.37 5.57
N VAL A 132 -5.06 -3.80 5.95
CA VAL A 132 -4.49 -4.05 7.26
C VAL A 132 -5.40 -3.45 8.30
N ASN A 133 -6.10 -4.30 9.04
CA ASN A 133 -7.17 -3.82 9.90
C ASN A 133 -6.77 -3.49 11.32
N LEU A 134 -7.35 -2.42 11.85
CA LEU A 134 -7.09 -1.99 13.20
C LEU A 134 -7.88 -2.84 14.20
N LEU A 135 -7.25 -3.18 15.31
CA LEU A 135 -7.86 -4.04 16.31
C LEU A 135 -8.11 -3.26 17.61
N GLY A 136 -7.11 -2.49 18.03
CA GLY A 136 -7.22 -1.73 19.25
C GLY A 136 -6.22 -0.60 19.29
N ALA A 137 -6.19 0.11 20.41
CA ALA A 137 -5.29 1.24 20.59
C ALA A 137 -5.06 1.55 22.07
N CYS A 138 -3.96 2.24 22.36
CA CYS A 138 -3.66 2.72 23.70
C CYS A 138 -3.47 4.23 23.65
N THR A 139 -4.40 4.99 24.22
CA THR A 139 -4.35 6.44 24.09
C THR A 139 -4.60 7.23 25.38
N LEU A 140 -4.49 6.60 26.54
CA LEU A 140 -4.86 7.27 27.78
C LEU A 140 -3.73 7.48 28.79
N SER A 141 -3.11 6.39 29.22
CA SER A 141 -2.06 6.50 30.22
C SER A 141 -0.70 6.19 29.62
N GLY A 142 -0.26 7.03 28.68
CA GLY A 142 1.07 6.89 28.12
C GLY A 142 1.15 7.19 26.65
N PRO A 143 2.21 6.70 25.99
CA PRO A 143 2.45 6.93 24.57
C PRO A 143 1.42 6.21 23.70
N ILE A 144 1.11 6.79 22.56
CA ILE A 144 0.05 6.26 21.70
C ILE A 144 0.50 5.04 20.88
N TYR A 145 -0.29 3.97 20.98
CA TYR A 145 -0.08 2.76 20.18
C TYR A 145 -1.31 2.49 19.34
N LEU A 146 -1.10 2.09 18.08
CA LEU A 146 -2.18 1.61 17.24
C LEU A 146 -1.92 0.15 16.93
N ILE A 147 -2.86 -0.71 17.31
CA ILE A 147 -2.65 -2.15 17.22
C ILE A 147 -3.31 -2.74 15.97
N PHE A 148 -2.50 -3.24 15.04
CA PHE A 148 -3.00 -3.80 13.79
C PHE A 148 -2.88 -5.32 13.72
N GLU A 149 -3.52 -5.91 12.71
CA GLU A 149 -3.35 -7.32 12.38
C GLU A 149 -1.91 -7.53 11.95
N TYR A 150 -1.35 -8.69 12.27
CA TYR A 150 0.03 -9.00 11.89
C TYR A 150 0.12 -9.79 10.59
N CYS A 151 0.88 -9.28 9.63
CA CYS A 151 1.07 -9.95 8.35
C CYS A 151 2.46 -10.55 8.31
N CYS A 152 2.55 -11.86 8.55
CA CYS A 152 3.84 -12.50 8.84
C CYS A 152 4.88 -12.57 7.72
N TYR A 153 4.49 -12.25 6.49
CA TYR A 153 5.44 -12.35 5.39
C TYR A 153 5.95 -10.99 4.90
N GLY A 154 5.69 -9.95 5.68
CA GLY A 154 6.19 -8.62 5.36
C GLY A 154 5.56 -7.98 4.13
N ASP A 155 6.25 -6.99 3.58
CA ASP A 155 5.72 -6.25 2.45
C ASP A 155 5.77 -7.06 1.15
N LEU A 156 4.88 -6.73 0.22
CA LEU A 156 4.75 -7.50 -1.01
C LEU A 156 5.96 -7.34 -1.94
N LEU A 157 6.57 -6.16 -1.93
CA LEU A 157 7.70 -5.91 -2.82
C LEU A 157 8.86 -6.86 -2.57
N ASN A 158 9.21 -7.07 -1.31
CA ASN A 158 10.29 -7.99 -0.96
C ASN A 158 9.86 -9.43 -1.18
N TYR A 159 8.60 -9.71 -0.84
CA TYR A 159 8.05 -11.06 -1.01
C TYR A 159 8.22 -11.56 -2.44
N LEU A 160 7.89 -10.70 -3.41
CA LEU A 160 8.05 -11.03 -4.82
C LEU A 160 9.51 -11.22 -5.19
N ARG A 161 10.36 -10.30 -4.75
CA ARG A 161 11.78 -10.35 -5.08
C ARG A 161 12.44 -11.62 -4.57
N SER A 162 12.05 -12.04 -3.36
CA SER A 162 12.65 -13.22 -2.76
C SER A 162 12.12 -14.52 -3.35
N LYS A 163 11.05 -14.44 -4.14
CA LYS A 163 10.44 -15.64 -4.70
C LYS A 163 10.90 -15.88 -6.13
N ARG A 164 11.92 -15.15 -6.57
CA ARG A 164 12.39 -15.28 -7.94
C ARG A 164 13.06 -16.63 -8.22
N ASN A 238 5.32 -23.72 -0.58
CA ASN A 238 5.28 -22.34 -1.10
C ASN A 238 6.14 -22.12 -2.38
N VAL A 239 5.49 -22.29 -3.54
CA VAL A 239 6.08 -21.96 -4.84
C VAL A 239 5.13 -21.01 -5.58
N LEU A 240 5.67 -20.04 -6.31
CA LEU A 240 4.83 -18.94 -6.85
C LEU A 240 4.31 -19.20 -8.27
N THR A 241 2.98 -19.19 -8.44
CA THR A 241 2.39 -19.44 -9.76
C THR A 241 1.77 -18.17 -10.35
N PHE A 242 1.49 -18.19 -11.65
CA PHE A 242 0.85 -17.07 -12.32
C PHE A 242 -0.48 -16.73 -11.66
N GLU A 243 -1.25 -17.75 -11.29
CA GLU A 243 -2.56 -17.53 -10.71
C GLU A 243 -2.46 -16.80 -9.37
N ASP A 244 -1.33 -16.97 -8.69
CA ASP A 244 -1.08 -16.25 -7.45
C ASP A 244 -0.91 -14.78 -7.78
N LEU A 245 -0.14 -14.51 -8.83
CA LEU A 245 0.09 -13.15 -9.30
C LEU A 245 -1.24 -12.47 -9.60
N LEU A 246 -2.10 -13.21 -10.31
CA LEU A 246 -3.44 -12.76 -10.66
C LEU A 246 -4.27 -12.49 -9.39
N CYS A 247 -4.08 -13.33 -8.38
CA CYS A 247 -4.82 -13.18 -7.13
C CYS A 247 -4.38 -11.94 -6.38
N PHE A 248 -3.07 -11.77 -6.23
CA PHE A 248 -2.49 -10.59 -5.63
C PHE A 248 -3.10 -9.34 -6.25
N ALA A 249 -3.07 -9.26 -7.57
CA ALA A 249 -3.61 -8.13 -8.30
C ALA A 249 -5.09 -7.94 -7.98
N TYR A 250 -5.82 -9.04 -7.94
CA TYR A 250 -7.27 -9.01 -7.70
C TYR A 250 -7.59 -8.46 -6.32
N GLN A 251 -6.91 -8.98 -5.31
CA GLN A 251 -7.15 -8.57 -3.93
C GLN A 251 -6.81 -7.10 -3.71
N VAL A 252 -5.75 -6.63 -4.34
CA VAL A 252 -5.39 -5.23 -4.19
C VAL A 252 -6.47 -4.34 -4.80
N ALA A 253 -6.97 -4.73 -5.97
CA ALA A 253 -8.07 -3.98 -6.58
C ALA A 253 -9.35 -4.07 -5.75
N LYS A 254 -9.58 -5.23 -5.12
CA LYS A 254 -10.69 -5.36 -4.18
C LYS A 254 -10.52 -4.35 -3.06
N GLY A 255 -9.30 -4.22 -2.55
CA GLY A 255 -9.03 -3.32 -1.44
C GLY A 255 -9.11 -1.86 -1.79
N MET A 256 -8.71 -1.51 -3.01
CA MET A 256 -8.81 -0.15 -3.47
C MET A 256 -10.24 0.18 -3.85
N GLU A 257 -11.01 -0.83 -4.23
CA GLU A 257 -12.42 -0.65 -4.52
C GLU A 257 -13.14 -0.26 -3.23
N PHE A 258 -12.73 -0.89 -2.14
CA PHE A 258 -13.25 -0.59 -0.81
C PHE A 258 -12.97 0.85 -0.42
N LEU A 259 -11.72 1.27 -0.57
CA LEU A 259 -11.30 2.64 -0.27
C LEU A 259 -12.04 3.65 -1.14
N GLU A 260 -12.19 3.32 -2.42
CA GLU A 260 -12.97 4.18 -3.31
C GLU A 260 -14.38 4.40 -2.77
N PHE A 261 -15.02 3.30 -2.36
CA PHE A 261 -16.35 3.35 -1.76
C PHE A 261 -16.39 4.18 -0.47
N LYS A 262 -15.35 4.03 0.35
CA LYS A 262 -15.24 4.78 1.59
C LYS A 262 -14.71 6.20 1.36
N SER A 263 -14.47 6.54 0.10
CA SER A 263 -14.06 7.89 -0.30
C SER A 263 -12.72 8.30 0.30
N CYS A 264 -11.72 7.42 0.15
CA CYS A 264 -10.36 7.68 0.56
C CYS A 264 -9.46 7.70 -0.65
N VAL A 265 -8.35 8.42 -0.57
CA VAL A 265 -7.27 8.21 -1.52
C VAL A 265 -6.05 7.72 -0.75
N HIS A 266 -5.23 6.91 -1.40
CA HIS A 266 -3.94 6.51 -0.84
C HIS A 266 -2.92 7.40 -1.53
N ARG A 267 -2.13 8.14 -0.79
CA ARG A 267 -1.18 9.01 -1.50
C ARG A 267 0.14 8.33 -1.84
N ASP A 268 0.30 7.07 -1.44
CA ASP A 268 1.52 6.33 -1.69
C ASP A 268 1.22 4.87 -1.97
N LEU A 269 0.55 4.60 -3.08
CA LEU A 269 0.19 3.23 -3.45
C LEU A 269 1.28 2.54 -4.27
N ALA A 270 1.94 1.55 -3.66
CA ALA A 270 3.00 0.78 -4.32
C ALA A 270 3.00 -0.63 -3.78
N ALA A 271 3.89 -1.47 -4.30
CA ALA A 271 3.98 -2.84 -3.83
C ALA A 271 4.59 -2.86 -2.43
N ARG A 272 5.41 -1.85 -2.15
CA ARG A 272 6.06 -1.73 -0.86
C ARG A 272 5.05 -1.39 0.23
N ASN A 273 3.89 -0.86 -0.17
CA ASN A 273 2.84 -0.56 0.80
C ASN A 273 1.73 -1.60 0.84
N VAL A 274 2.05 -2.83 0.44
CA VAL A 274 1.14 -3.96 0.54
C VAL A 274 1.81 -5.10 1.31
N LEU A 275 1.07 -5.72 2.24
CA LEU A 275 1.63 -6.78 3.07
C LEU A 275 1.08 -8.15 2.71
N VAL A 276 1.86 -9.18 3.02
CA VAL A 276 1.45 -10.56 2.72
C VAL A 276 1.27 -11.37 3.99
N THR A 277 0.15 -12.09 4.08
CA THR A 277 -0.15 -12.92 5.25
C THR A 277 -0.27 -14.39 4.88
N HIS A 278 -0.88 -15.15 5.78
CA HIS A 278 -1.15 -16.56 5.55
C HIS A 278 -2.14 -16.72 4.42
N GLY A 279 -1.97 -17.79 3.63
CA GLY A 279 -2.94 -18.15 2.62
C GLY A 279 -2.87 -17.33 1.35
N LYS A 280 -1.74 -16.67 1.14
CA LYS A 280 -1.51 -15.79 -0.02
C LYS A 280 -2.46 -14.60 -0.02
N VAL A 281 -2.90 -14.19 1.16
CA VAL A 281 -3.77 -13.03 1.30
C VAL A 281 -2.94 -11.75 1.35
N VAL A 282 -3.39 -10.71 0.67
CA VAL A 282 -2.66 -9.45 0.70
C VAL A 282 -3.52 -8.31 1.22
N LYS A 283 -2.88 -7.40 1.94
CA LYS A 283 -3.58 -6.33 2.62
C LYS A 283 -2.86 -5.03 2.35
N ILE A 284 -3.62 -4.01 1.92
CA ILE A 284 -3.05 -2.69 1.65
C ILE A 284 -2.78 -1.97 2.96
N CYS A 285 -1.68 -1.22 3.03
CA CYS A 285 -1.33 -0.49 4.24
C CYS A 285 -0.58 0.79 3.90
N ASP A 286 -0.13 1.50 4.94
CA ASP A 286 0.78 2.63 4.75
C ASP A 286 1.74 2.77 5.92
N PHE A 287 3.01 2.46 5.67
CA PHE A 287 4.05 2.63 6.67
C PHE A 287 4.18 4.09 7.10
N GLY A 288 4.06 4.99 6.13
CA GLY A 288 4.14 6.42 6.39
C GLY A 288 5.31 6.83 7.24
N LEU A 289 5.04 7.07 8.51
CA LEU A 289 6.06 7.55 9.44
C LEU A 289 6.97 6.41 9.93
N ALA A 290 6.66 5.20 9.49
CA ALA A 290 7.44 4.02 9.87
C ALA A 290 8.33 3.54 8.73
N ARG A 291 8.52 4.39 7.72
CA ARG A 291 9.47 4.13 6.65
C ARG A 291 10.51 5.23 6.56
N ASP A 292 11.77 4.85 6.41
CA ASP A 292 12.86 5.81 6.30
C ASP A 292 13.05 6.30 4.86
N ILE A 293 12.31 7.36 4.51
CA ILE A 293 12.32 7.89 3.14
C ILE A 293 13.63 8.58 2.78
N MET A 294 14.43 8.94 3.79
CA MET A 294 15.72 9.56 3.54
C MET A 294 16.65 8.59 2.82
N SER A 295 16.45 7.30 3.05
CA SER A 295 17.33 6.28 2.49
C SER A 295 16.62 5.43 1.44
N ASP A 296 15.41 5.83 1.06
CA ASP A 296 14.67 5.14 0.00
C ASP A 296 14.73 5.94 -1.30
N SER A 297 15.43 5.38 -2.28
CA SER A 297 15.75 6.08 -3.52
C SER A 297 14.53 6.34 -4.39
N ASN A 298 13.41 5.69 -4.07
CA ASN A 298 12.19 5.84 -4.83
C ASN A 298 11.39 7.07 -4.42
N TYR A 299 11.79 7.67 -3.30
CA TYR A 299 11.25 8.94 -2.86
C TYR A 299 12.22 10.05 -3.26
N VAL A 300 11.78 10.85 -4.23
CA VAL A 300 12.62 11.89 -4.82
C VAL A 300 12.20 13.29 -4.36
N VAL A 301 13.19 14.11 -4.03
CA VAL A 301 12.93 15.50 -3.66
C VAL A 301 12.36 16.28 -4.84
N ARG A 302 11.14 16.77 -4.68
CA ARG A 302 10.49 17.61 -5.69
C ARG A 302 9.68 18.69 -4.99
N GLY A 303 10.04 19.94 -5.23
CA GLY A 303 9.48 21.03 -4.47
C GLY A 303 9.90 20.87 -3.01
N ASN A 304 9.04 21.30 -2.10
CA ASN A 304 9.35 21.19 -0.68
C ASN A 304 8.88 19.85 -0.10
N ALA A 305 9.23 18.76 -0.79
CA ALA A 305 8.79 17.42 -0.36
C ALA A 305 9.62 16.29 -0.96
N ARG A 306 9.40 15.08 -0.47
CA ARG A 306 10.09 13.90 -0.96
C ARG A 306 9.04 12.86 -1.41
N LEU A 307 8.88 12.73 -2.73
CA LEU A 307 7.74 12.00 -3.30
C LEU A 307 8.13 10.74 -4.10
N PRO A 308 7.26 9.72 -4.09
CA PRO A 308 7.44 8.48 -4.86
C PRO A 308 7.08 8.68 -6.33
N VAL A 309 7.94 9.40 -7.04
CA VAL A 309 7.61 9.94 -8.37
C VAL A 309 7.17 8.91 -9.42
N LYS A 310 7.87 7.77 -9.48
CA LYS A 310 7.58 6.78 -10.53
C LYS A 310 6.19 6.14 -10.40
N TRP A 311 5.58 6.27 -9.23
CA TRP A 311 4.25 5.73 -8.98
C TRP A 311 3.14 6.78 -9.14
N MET A 312 3.52 8.03 -9.37
CA MET A 312 2.59 9.15 -9.34
C MET A 312 1.98 9.50 -10.69
N ALA A 313 0.69 9.84 -10.66
CA ALA A 313 -0.04 10.29 -11.84
C ALA A 313 0.43 11.69 -12.26
N PRO A 314 0.21 12.05 -13.54
CA PRO A 314 0.55 13.36 -14.09
C PRO A 314 -0.08 14.54 -13.35
N GLU A 315 -1.35 14.44 -13.00
CA GLU A 315 -2.01 15.51 -12.24
C GLU A 315 -1.34 15.70 -10.89
N SER A 316 -0.91 14.61 -10.28
CA SER A 316 -0.17 14.66 -9.02
C SER A 316 1.14 15.40 -9.22
N LEU A 317 1.89 14.97 -10.23
CA LEU A 317 3.21 15.51 -10.52
C LEU A 317 3.16 16.98 -10.91
N PHE A 318 2.16 17.36 -11.71
CA PHE A 318 2.15 18.68 -12.31
C PHE A 318 1.10 19.63 -11.74
N GLU A 319 0.18 19.12 -10.92
CA GLU A 319 -0.85 19.98 -10.33
C GLU A 319 -1.07 19.74 -8.83
N GLY A 320 -0.35 18.77 -8.26
CA GLY A 320 -0.49 18.46 -6.86
C GLY A 320 -1.82 17.81 -6.52
N ILE A 321 -2.53 17.36 -7.56
CA ILE A 321 -3.83 16.72 -7.40
C ILE A 321 -3.70 15.25 -7.03
N TYR A 322 -4.49 14.80 -6.05
CA TYR A 322 -4.52 13.39 -5.68
C TYR A 322 -5.97 12.91 -5.57
N THR A 323 -6.41 12.12 -6.54
CA THR A 323 -7.76 11.57 -6.50
C THR A 323 -7.73 10.04 -6.50
N ILE A 324 -8.91 9.43 -6.56
CA ILE A 324 -9.00 7.99 -6.63
C ILE A 324 -8.46 7.51 -7.98
N LYS A 325 -8.51 8.37 -8.98
CA LYS A 325 -8.03 8.03 -10.32
C LYS A 325 -6.51 8.21 -10.39
N SER A 326 -5.97 9.04 -9.49
CA SER A 326 -4.54 9.13 -9.31
C SER A 326 -4.07 7.78 -8.81
N ASP A 327 -4.85 7.21 -7.91
CA ASP A 327 -4.58 5.91 -7.34
C ASP A 327 -4.64 4.82 -8.40
N VAL A 328 -5.52 5.02 -9.37
CA VAL A 328 -5.68 4.06 -10.46
C VAL A 328 -4.38 3.98 -11.26
N TRP A 329 -3.78 5.14 -11.52
CA TRP A 329 -2.49 5.19 -12.21
C TRP A 329 -1.45 4.43 -11.40
N SER A 330 -1.41 4.67 -10.10
CA SER A 330 -0.47 4.00 -9.22
C SER A 330 -0.72 2.49 -9.24
N TYR A 331 -1.99 2.11 -9.30
CA TYR A 331 -2.34 0.70 -9.37
C TYR A 331 -1.78 0.06 -10.62
N GLY A 332 -1.81 0.79 -11.73
CA GLY A 332 -1.20 0.33 -12.96
C GLY A 332 0.27 0.05 -12.80
N ILE A 333 0.98 0.94 -12.11
CA ILE A 333 2.39 0.74 -11.81
C ILE A 333 2.57 -0.44 -10.85
N LEU A 334 1.64 -0.60 -9.91
CA LEU A 334 1.71 -1.70 -8.97
C LEU A 334 1.52 -3.05 -9.69
N LEU A 335 0.66 -3.06 -10.71
CA LEU A 335 0.49 -4.24 -11.56
C LEU A 335 1.81 -4.56 -12.22
N TRP A 336 2.49 -3.53 -12.72
CA TRP A 336 3.77 -3.72 -13.37
C TRP A 336 4.75 -4.33 -12.38
N GLU A 337 4.70 -3.85 -11.14
CA GLU A 337 5.55 -4.39 -10.10
C GLU A 337 5.31 -5.87 -9.86
N ILE A 338 4.05 -6.26 -9.82
CA ILE A 338 3.67 -7.66 -9.59
C ILE A 338 4.14 -8.57 -10.72
N PHE A 339 3.88 -8.16 -11.95
CA PHE A 339 4.15 -9.00 -13.10
C PHE A 339 5.54 -8.82 -13.69
N SER A 340 6.38 -8.07 -12.98
CA SER A 340 7.80 -8.03 -13.26
C SER A 340 8.51 -8.77 -12.14
N LEU A 341 7.73 -9.11 -11.12
CA LEU A 341 8.21 -9.73 -9.89
C LEU A 341 9.11 -8.80 -9.07
N GLY A 342 8.78 -7.52 -9.05
CA GLY A 342 9.43 -6.59 -8.17
C GLY A 342 10.56 -5.80 -8.80
N VAL A 343 10.49 -5.61 -10.10
CA VAL A 343 11.48 -4.77 -10.77
C VAL A 343 11.09 -3.30 -10.58
N ASN A 344 12.09 -2.46 -10.38
CA ASN A 344 11.84 -1.03 -10.25
C ASN A 344 11.24 -0.45 -11.53
N PRO A 345 10.11 0.27 -11.41
CA PRO A 345 9.38 0.87 -12.53
C PRO A 345 10.27 1.76 -13.38
N TYR A 346 10.00 1.78 -14.70
CA TYR A 346 10.87 2.46 -15.65
C TYR A 346 12.34 2.11 -15.37
N PRO A 347 12.69 0.83 -15.53
CA PRO A 347 14.05 0.39 -15.21
C PRO A 347 15.07 1.01 -16.16
N GLY A 348 16.20 1.42 -15.61
CA GLY A 348 17.23 2.05 -16.41
C GLY A 348 16.94 3.51 -16.69
N ILE A 349 15.80 4.00 -16.22
CA ILE A 349 15.46 5.40 -16.39
C ILE A 349 15.49 6.11 -15.04
N PRO A 350 16.32 7.15 -14.92
CA PRO A 350 16.49 7.90 -13.67
C PRO A 350 15.49 9.02 -13.57
N VAL A 351 15.29 9.58 -12.37
CA VAL A 351 14.34 10.66 -12.20
C VAL A 351 15.01 12.02 -12.32
N ASP A 352 15.02 12.54 -13.55
CA ASP A 352 15.57 13.86 -13.83
C ASP A 352 14.56 14.67 -14.63
N ALA A 353 15.05 15.75 -15.24
CA ALA A 353 14.19 16.64 -16.04
C ALA A 353 13.52 15.91 -17.19
N ASN A 354 14.25 14.97 -17.79
CA ASN A 354 13.74 14.20 -18.93
C ASN A 354 12.58 13.29 -18.58
N PHE A 355 12.57 12.79 -17.34
CA PHE A 355 11.54 11.84 -16.91
C PHE A 355 10.17 12.49 -16.86
N TYR A 356 10.13 13.71 -16.35
CA TYR A 356 8.86 14.42 -16.22
C TYR A 356 8.29 14.78 -17.59
N LYS A 357 9.17 15.09 -18.52
CA LYS A 357 8.76 15.38 -19.90
C LYS A 357 8.45 14.09 -20.67
N LEU A 358 9.03 12.98 -20.25
CA LEU A 358 8.71 11.68 -20.83
C LEU A 358 7.30 11.26 -20.46
N ILE A 359 6.98 11.35 -19.18
CA ILE A 359 5.63 11.07 -18.69
C ILE A 359 4.63 12.02 -19.33
N GLN A 360 4.99 13.30 -19.38
CA GLN A 360 4.10 14.34 -19.89
C GLN A 360 3.85 14.20 -21.39
N ASN A 361 4.77 13.54 -22.08
CA ASN A 361 4.58 13.27 -23.49
C ASN A 361 3.99 11.88 -23.75
N GLY A 362 3.53 11.24 -22.67
CA GLY A 362 2.73 10.03 -22.77
C GLY A 362 3.47 8.70 -22.79
N PHE A 363 4.71 8.70 -22.30
CA PHE A 363 5.49 7.47 -22.27
C PHE A 363 4.85 6.43 -21.35
N LYS A 364 4.79 5.18 -21.82
CA LYS A 364 4.30 4.07 -21.01
C LYS A 364 5.28 2.90 -21.05
N MET A 365 5.40 2.19 -19.94
CA MET A 365 6.32 1.05 -19.88
C MET A 365 5.94 -0.06 -20.84
N ASP A 366 6.92 -0.85 -21.23
CA ASP A 366 6.64 -2.01 -22.06
C ASP A 366 6.14 -3.13 -21.16
N GLN A 367 5.72 -4.23 -21.78
CA GLN A 367 5.18 -5.36 -21.05
C GLN A 367 6.21 -6.00 -20.12
N PRO A 368 5.84 -6.22 -18.86
CA PRO A 368 6.72 -6.90 -17.89
C PRO A 368 6.74 -8.38 -18.16
N PHE A 369 7.83 -9.06 -17.81
CA PHE A 369 8.05 -10.41 -18.27
C PHE A 369 6.92 -11.41 -17.98
N TYR A 370 6.27 -11.27 -16.84
CA TYR A 370 5.29 -12.27 -16.41
C TYR A 370 3.86 -11.84 -16.70
N ALA A 371 3.73 -10.82 -17.55
CA ALA A 371 2.41 -10.35 -17.97
C ALA A 371 1.87 -11.14 -19.16
N THR A 372 0.58 -11.45 -19.12
CA THR A 372 -0.11 -11.99 -20.28
C THR A 372 -0.52 -10.82 -21.15
N GLU A 373 -1.03 -11.12 -22.34
CA GLU A 373 -1.44 -10.06 -23.25
C GLU A 373 -2.58 -9.26 -22.64
N GLU A 374 -3.55 -9.96 -22.05
CA GLU A 374 -4.72 -9.31 -21.46
C GLU A 374 -4.33 -8.34 -20.35
N ILE A 375 -3.56 -8.82 -19.39
CA ILE A 375 -3.13 -8.00 -18.27
C ILE A 375 -2.43 -6.71 -18.70
N TYR A 376 -1.58 -6.79 -19.71
CA TYR A 376 -0.88 -5.61 -20.17
C TYR A 376 -1.85 -4.53 -20.66
N ILE A 377 -2.88 -4.94 -21.38
CA ILE A 377 -3.89 -4.01 -21.88
C ILE A 377 -4.62 -3.33 -20.73
N ILE A 378 -5.00 -4.13 -19.74
CA ILE A 378 -5.60 -3.63 -18.51
C ILE A 378 -4.66 -2.63 -17.82
N MET A 379 -3.43 -3.08 -17.62
CA MET A 379 -2.38 -2.27 -17.05
C MET A 379 -2.25 -0.93 -17.77
N GLN A 380 -2.38 -0.95 -19.09
CA GLN A 380 -2.20 0.25 -19.91
C GLN A 380 -3.33 1.25 -19.75
N SER A 381 -4.53 0.76 -19.45
CA SER A 381 -5.70 1.63 -19.30
C SER A 381 -5.61 2.49 -18.05
N CYS A 382 -4.88 2.00 -17.06
CA CYS A 382 -4.63 2.73 -15.82
C CYS A 382 -3.73 3.91 -16.07
N TRP A 383 -3.17 3.99 -17.27
CA TRP A 383 -2.18 5.01 -17.57
C TRP A 383 -2.66 6.02 -18.61
N ALA A 384 -3.97 6.10 -18.80
CA ALA A 384 -4.53 7.12 -19.67
C ALA A 384 -4.18 8.48 -19.08
N PHE A 385 -3.67 9.39 -19.92
CA PHE A 385 -3.27 10.70 -19.43
C PHE A 385 -4.45 11.44 -18.82
N ASP A 386 -5.59 11.39 -19.51
CA ASP A 386 -6.82 11.88 -18.95
C ASP A 386 -7.22 10.98 -17.80
N SER A 387 -7.35 11.55 -16.60
CA SER A 387 -7.73 10.77 -15.43
C SER A 387 -9.16 10.26 -15.56
N ARG A 388 -9.97 10.98 -16.32
CA ARG A 388 -11.35 10.61 -16.55
C ARG A 388 -11.48 9.35 -17.41
N LYS A 389 -10.44 9.04 -18.19
CA LYS A 389 -10.46 7.90 -19.11
C LYS A 389 -9.96 6.60 -18.49
N ARG A 390 -9.44 6.66 -17.28
CA ARG A 390 -8.97 5.48 -16.56
C ARG A 390 -10.16 4.69 -15.99
N PRO A 391 -9.98 3.39 -15.76
CA PRO A 391 -11.01 2.59 -15.11
C PRO A 391 -11.17 2.95 -13.66
N SER A 392 -12.34 2.70 -13.10
CA SER A 392 -12.52 2.82 -11.66
C SER A 392 -12.03 1.52 -11.05
N PHE A 393 -11.94 1.46 -9.73
CA PHE A 393 -11.59 0.19 -9.11
C PHE A 393 -12.70 -0.88 -9.21
N PRO A 394 -13.98 -0.46 -9.21
CA PRO A 394 -14.97 -1.49 -9.54
C PRO A 394 -14.73 -2.09 -10.92
N ASN A 395 -14.30 -1.26 -11.86
CA ASN A 395 -13.96 -1.73 -13.20
C ASN A 395 -12.82 -2.73 -13.18
N LEU A 396 -11.75 -2.37 -12.48
CA LEU A 396 -10.55 -3.20 -12.38
C LEU A 396 -10.85 -4.56 -11.76
N THR A 397 -11.68 -4.57 -10.72
CA THR A 397 -12.08 -5.81 -10.07
C THR A 397 -12.84 -6.73 -11.02
N SER A 398 -13.68 -6.16 -11.87
CA SER A 398 -14.41 -6.95 -12.86
CA SER A 398 -14.41 -6.93 -12.87
C SER A 398 -13.47 -7.52 -13.91
N PHE A 399 -12.55 -6.68 -14.39
CA PHE A 399 -11.59 -7.11 -15.38
C PHE A 399 -10.69 -8.23 -14.89
N LEU A 400 -10.22 -8.09 -13.65
CA LEU A 400 -9.35 -9.10 -13.07
C LEU A 400 -10.12 -10.31 -12.55
N GLY A 401 -11.40 -10.14 -12.25
CA GLY A 401 -12.22 -11.24 -11.77
C GLY A 401 -12.42 -12.20 -12.92
N CYS A 402 -12.60 -11.62 -14.10
CA CYS A 402 -12.73 -12.36 -15.34
C CYS A 402 -11.48 -13.18 -15.61
N GLN A 403 -10.31 -12.57 -15.43
CA GLN A 403 -9.03 -13.22 -15.70
C GLN A 403 -8.78 -14.37 -14.75
N LEU A 404 -9.16 -14.19 -13.48
CA LEU A 404 -9.03 -15.24 -12.47
C LEU A 404 -9.90 -16.45 -12.82
N ALA A 405 -11.15 -16.20 -13.17
CA ALA A 405 -12.10 -17.25 -13.54
C ALA A 405 -11.62 -18.13 -14.68
N ASP A 406 -10.91 -17.52 -15.64
CA ASP A 406 -10.36 -18.24 -16.79
C ASP A 406 -9.03 -18.93 -16.45
N ALA A 407 -8.08 -18.16 -15.93
CA ALA A 407 -6.71 -18.62 -15.69
C ALA A 407 -6.62 -19.93 -14.90
N1 P30 B . -1.78 2.58 8.35
C3 P30 B . -1.05 1.42 8.29
O4 P30 B . -1.10 0.66 7.32
N5 P30 B . -0.21 1.06 9.34
C7 P30 B . 0.57 -0.11 9.35
C8 P30 B . 1.08 -2.39 10.02
C10 P30 B . 0.25 -1.26 10.10
C12 P30 B . 2.23 -2.42 9.22
C13 P30 B . 1.72 -0.15 8.54
C15 P30 B . 2.54 -1.29 8.48
C17 P30 B . 3.02 -3.63 9.19
C18 P30 B . 4.33 -3.81 8.73
N20 P30 B . 4.58 -5.13 8.92
C21 P30 B . 3.45 -5.69 9.44
N22 P30 B . 2.50 -4.84 9.62
S23 P30 B . 3.59 -7.38 9.75
C24 P30 B . 5.64 -6.01 8.71
C25 P30 B . 5.27 -7.29 9.12
C26 P30 B . 6.88 -5.68 8.19
C28 P30 B . 7.77 -6.76 8.09
C30 P30 B . 6.15 -8.35 9.01
C32 P30 B . 7.43 -8.07 8.48
O33 P30 B . 8.42 -9.01 8.31
C34 P30 B . 8.14 -10.35 8.70
C37 P30 B . 9.37 -11.18 8.31
N40 P30 B . 9.55 -11.24 6.86
C41 P30 B . 9.94 -12.58 6.37
C44 P30 B . 11.43 -12.88 6.62
O47 P30 B . 12.25 -11.80 6.15
C48 P30 B . 11.90 -10.57 6.78
C51 P30 B . 10.49 -10.20 6.37
C54 P30 B . -2.66 3.01 7.36
N55 P30 B . -3.11 4.27 7.35
O56 P30 B . -3.97 4.35 6.28
C57 P30 B . -4.07 3.15 5.63
C58 P30 B . -3.25 2.27 6.30
C60 P30 B . -4.98 3.06 4.43
C61 P30 B . -4.64 1.79 3.63
C65 P30 B . -4.86 4.30 3.55
C69 P30 B . -6.42 2.88 4.92
#